data_1R6A
#
_entry.id   1R6A
#
_cell.length_a   111.99
_cell.length_b   111.99
_cell.length_c   56.27
_cell.angle_alpha   90
_cell.angle_beta   90
_cell.angle_gamma   120
#
_symmetry.space_group_name_H-M   'P 31 2 1'
#
loop_
_entity.id
_entity.type
_entity.pdbx_description
1 polymer 'Genome polyprotein'
2 non-polymer 'SULFATE ION'
3 non-polymer S-ADENOSYL-L-HOMOCYSTEINE
4 non-polymer 'RIBAVIRIN MONOPHOSPHATE'
5 water water
#
_entity_poly.entity_id   1
_entity_poly.type   'polypeptide(L)'
_entity_poly.pdbx_seq_one_letter_code
;GSNIGETLGEKWKSRLNALGKSEFQIYKKSGIQEVDRTLAKEGIKRGETDHHAVSRGSAKLRWFVERNLVTPEGKVVDLG
CGRGGWSYYCGGLKNVREVKGLTKGGPGHEEPIPMSTYGWNLVRLQSGVDVFFIPPERCDTLLCDIGESSPNPTVEAGRT
LRVLNLVENWLSNNTQFCVKVLNPYMPSVIEKMEALQRKHGGALVRNPLSRNSTHEMYWVSNASGNIVSSVNMISRMLIN
RFTMRHKKATYEPDVDLGSGTRNIGIESETPNLDIIGKRIEKIKQEHETSWHYDQ
;
_entity_poly.pdbx_strand_id   A
#
loop_
_chem_comp.id
_chem_comp.type
_chem_comp.name
_chem_comp.formula
RVP non-polymer 'RIBAVIRIN MONOPHOSPHATE' 'C8 H13 N4 O8 P'
SO4 non-polymer 'SULFATE ION' 'O4 S -2'
#
# COMPACT_ATOMS: atom_id res chain seq x y z
N GLU A 6 21.87 -6.70 -7.77
CA GLU A 6 22.87 -5.69 -8.21
C GLU A 6 22.92 -4.51 -7.21
N THR A 7 22.71 -4.75 -5.90
CA THR A 7 22.73 -3.64 -4.96
C THR A 7 23.10 -3.89 -3.49
N LEU A 8 22.88 -2.81 -2.74
CA LEU A 8 23.11 -2.66 -1.30
C LEU A 8 21.95 -3.15 -0.44
N GLY A 9 20.73 -3.13 -1.00
CA GLY A 9 19.58 -3.59 -0.26
C GLY A 9 19.65 -5.09 -0.13
N GLU A 10 20.50 -5.68 -0.96
CA GLU A 10 20.70 -7.11 -0.93
C GLU A 10 21.48 -7.53 0.31
N LYS A 11 22.34 -6.63 0.78
CA LYS A 11 23.12 -6.87 2.00
C LYS A 11 22.13 -6.88 3.16
N TRP A 12 21.18 -5.95 3.09
CA TRP A 12 20.14 -5.80 4.10
C TRP A 12 19.28 -7.05 4.20
N LYS A 13 18.85 -7.54 3.04
CA LYS A 13 17.99 -8.73 2.99
C LYS A 13 18.65 -9.97 3.61
N SER A 14 19.92 -10.18 3.28
CA SER A 14 20.64 -11.32 3.81
C SER A 14 20.74 -11.18 5.32
N ARG A 15 21.09 -9.98 5.76
CA ARG A 15 21.22 -9.76 7.19
C ARG A 15 19.87 -10.06 7.81
N LEU A 16 18.81 -9.53 7.22
CA LEU A 16 17.46 -9.77 7.71
C LEU A 16 17.19 -11.28 7.83
N ASN A 17 17.36 -12.00 6.73
CA ASN A 17 17.14 -13.46 6.71
C ASN A 17 17.95 -14.18 7.79
N ALA A 18 19.17 -13.71 8.01
CA ALA A 18 20.08 -14.29 8.98
C ALA A 18 19.71 -14.05 10.44
N LEU A 19 18.66 -13.26 10.66
CA LEU A 19 18.23 -12.97 12.03
C LEU A 19 17.55 -14.14 12.73
N GLY A 20 17.64 -14.16 14.05
CA GLY A 20 16.99 -15.20 14.82
C GLY A 20 15.52 -14.83 14.87
N LYS A 21 14.65 -15.82 15.09
CA LYS A 21 13.22 -15.54 15.14
C LYS A 21 12.89 -14.41 16.10
N SER A 22 13.50 -14.43 17.27
CA SER A 22 13.26 -13.42 18.29
C SER A 22 13.84 -12.08 17.84
N GLU A 23 15.08 -12.10 17.38
CA GLU A 23 15.77 -10.89 16.91
C GLU A 23 14.88 -10.23 15.87
N PHE A 24 14.38 -11.04 14.94
CA PHE A 24 13.52 -10.60 13.85
C PHE A 24 12.29 -9.81 14.26
N GLN A 25 11.50 -10.34 15.18
CA GLN A 25 10.31 -9.61 15.60
C GLN A 25 10.64 -8.25 16.21
N ILE A 26 11.69 -8.20 17.03
CA ILE A 26 12.13 -6.97 17.67
C ILE A 26 12.49 -5.96 16.60
N TYR A 27 13.31 -6.41 15.65
CA TYR A 27 13.75 -5.54 14.57
C TYR A 27 12.58 -5.02 13.73
N LYS A 28 11.73 -5.94 13.29
CA LYS A 28 10.58 -5.60 12.47
C LYS A 28 9.79 -4.37 12.93
N LYS A 29 9.80 -4.10 14.22
CA LYS A 29 9.06 -2.95 14.70
C LYS A 29 9.92 -1.90 15.41
N SER A 30 11.23 -1.94 15.18
CA SER A 30 12.10 -0.97 15.83
C SER A 30 11.97 0.44 15.29
N GLY A 31 11.54 1.35 16.15
CA GLY A 31 11.42 2.74 15.76
C GLY A 31 10.49 3.02 14.59
N ILE A 32 9.53 2.14 14.34
CA ILE A 32 8.62 2.40 13.23
C ILE A 32 7.41 3.13 13.78
N GLN A 33 6.45 3.40 12.90
CA GLN A 33 5.23 4.07 13.30
C GLN A 33 4.16 3.00 13.26
N GLU A 34 3.36 2.94 14.32
CA GLU A 34 2.29 1.96 14.44
C GLU A 34 0.93 2.63 14.56
N VAL A 35 -0.12 1.87 14.25
CA VAL A 35 -1.50 2.36 14.36
C VAL A 35 -2.12 1.60 15.50
N ASP A 36 -2.75 2.30 16.44
CA ASP A 36 -3.40 1.69 17.60
C ASP A 36 -4.73 1.04 17.15
N ARG A 37 -4.66 -0.24 16.76
CA ARG A 37 -5.82 -0.96 16.25
C ARG A 37 -6.65 -1.85 17.18
N THR A 38 -6.15 -2.09 18.39
CA THR A 38 -6.83 -2.95 19.35
C THR A 38 -8.36 -2.89 19.35
N LEU A 39 -8.90 -1.76 19.79
CA LEU A 39 -10.35 -1.62 19.86
C LEU A 39 -11.06 -1.72 18.52
N ALA A 40 -10.42 -1.27 17.45
CA ALA A 40 -11.04 -1.33 16.14
C ALA A 40 -11.28 -2.77 15.73
N LYS A 41 -10.30 -3.62 16.01
CA LYS A 41 -10.40 -5.03 15.67
C LYS A 41 -11.50 -5.69 16.49
N GLU A 42 -11.52 -5.41 17.78
CA GLU A 42 -12.54 -6.00 18.63
C GLU A 42 -13.94 -5.59 18.20
N GLY A 43 -14.07 -4.36 17.72
CA GLY A 43 -15.38 -3.90 17.29
C GLY A 43 -15.82 -4.59 16.02
N ILE A 44 -14.86 -4.86 15.14
CA ILE A 44 -15.14 -5.52 13.88
C ILE A 44 -15.52 -6.95 14.15
N LYS A 45 -14.69 -7.62 14.95
CA LYS A 45 -14.91 -9.00 15.34
C LYS A 45 -16.31 -9.12 15.92
N ARG A 46 -16.78 -8.02 16.49
CA ARG A 46 -18.08 -7.94 17.13
C ARG A 46 -19.21 -7.64 16.14
N GLY A 47 -18.86 -7.46 14.87
CA GLY A 47 -19.88 -7.18 13.87
C GLY A 47 -20.12 -5.73 13.52
N GLU A 48 -19.45 -4.83 14.22
CA GLU A 48 -19.63 -3.41 13.96
C GLU A 48 -19.23 -3.05 12.54
N THR A 49 -19.98 -2.15 11.90
CA THR A 49 -19.64 -1.77 10.54
C THR A 49 -19.45 -0.27 10.36
N ASP A 50 -19.64 0.48 11.44
CA ASP A 50 -19.47 1.94 11.42
C ASP A 50 -18.12 2.33 12.01
N HIS A 51 -17.50 3.34 11.41
CA HIS A 51 -16.21 3.89 11.87
C HIS A 51 -14.94 3.09 11.61
N HIS A 52 -14.94 1.82 11.99
CA HIS A 52 -13.74 0.99 11.84
C HIS A 52 -13.11 0.80 10.47
N ALA A 53 -11.78 0.69 10.47
CA ALA A 53 -11.03 0.44 9.26
C ALA A 53 -10.93 -1.06 9.25
N VAL A 54 -11.08 -1.68 8.08
CA VAL A 54 -11.01 -3.14 8.01
C VAL A 54 -9.61 -3.71 8.18
N SER A 55 -8.60 -2.83 8.18
CA SER A 55 -7.21 -3.27 8.31
C SER A 55 -6.35 -2.04 8.58
N ARG A 56 -5.05 -2.23 8.79
CA ARG A 56 -4.22 -1.06 9.04
C ARG A 56 -3.92 -0.33 7.73
N GLY A 57 -4.43 -0.87 6.62
CA GLY A 57 -4.18 -0.26 5.32
C GLY A 57 -4.80 1.12 5.16
N SER A 58 -5.94 1.34 5.81
CA SER A 58 -6.61 2.62 5.73
C SER A 58 -5.67 3.71 6.24
N ALA A 59 -5.15 3.49 7.45
CA ALA A 59 -4.23 4.42 8.07
C ALA A 59 -3.00 4.61 7.18
N LYS A 60 -2.58 3.51 6.55
CA LYS A 60 -1.43 3.55 5.68
C LYS A 60 -1.65 4.45 4.47
N LEU A 61 -2.82 4.31 3.84
CA LEU A 61 -3.14 5.13 2.67
C LEU A 61 -3.29 6.58 3.12
N ARG A 62 -3.96 6.77 4.26
CA ARG A 62 -4.17 8.11 4.80
C ARG A 62 -2.89 8.93 4.82
N TRP A 63 -1.80 8.32 5.27
CA TRP A 63 -0.52 9.01 5.34
C TRP A 63 -0.11 9.62 4.01
N PHE A 64 -0.22 8.87 2.92
CA PHE A 64 0.14 9.38 1.59
C PHE A 64 -0.84 10.48 1.18
N VAL A 65 -2.14 10.20 1.34
CA VAL A 65 -3.18 11.14 0.97
C VAL A 65 -3.19 12.47 1.73
N GLU A 66 -3.04 12.43 3.05
CA GLU A 66 -3.06 13.68 3.81
C GLU A 66 -1.79 14.51 3.52
N ARG A 67 -1.01 14.07 2.54
CA ARG A 67 0.21 14.76 2.14
C ARG A 67 0.18 15.02 0.65
N ASN A 68 -0.98 14.80 0.04
CA ASN A 68 -1.16 15.03 -1.38
C ASN A 68 -0.15 14.30 -2.27
N LEU A 69 0.42 13.22 -1.76
CA LEU A 69 1.35 12.44 -2.56
C LEU A 69 0.50 11.63 -3.56
N VAL A 70 -0.78 11.49 -3.23
CA VAL A 70 -1.78 10.81 -4.07
C VAL A 70 -3.14 11.45 -3.72
N THR A 71 -3.86 11.90 -4.75
CA THR A 71 -5.13 12.57 -4.54
C THR A 71 -6.29 11.83 -5.21
N PRO A 72 -6.80 10.78 -4.56
CA PRO A 72 -7.92 10.00 -5.14
C PRO A 72 -9.16 10.82 -5.49
N GLU A 73 -9.53 10.76 -6.77
CA GLU A 73 -10.66 11.51 -7.30
C GLU A 73 -11.35 10.69 -8.38
N GLY A 74 -12.59 11.04 -8.67
CA GLY A 74 -13.34 10.34 -9.70
C GLY A 74 -13.52 8.86 -9.47
N LYS A 75 -13.24 8.06 -10.51
CA LYS A 75 -13.36 6.61 -10.43
C LYS A 75 -12.04 6.05 -9.93
N VAL A 76 -12.08 5.45 -8.75
CA VAL A 76 -10.91 4.86 -8.14
C VAL A 76 -10.95 3.34 -8.27
N VAL A 77 -9.88 2.77 -8.81
CA VAL A 77 -9.77 1.33 -8.94
C VAL A 77 -8.71 0.89 -7.92
N ASP A 78 -9.10 -0.01 -7.04
CA ASP A 78 -8.21 -0.52 -6.01
C ASP A 78 -7.82 -1.98 -6.32
N LEU A 79 -6.69 -2.14 -7.03
CA LEU A 79 -6.17 -3.44 -7.42
C LEU A 79 -5.60 -4.22 -6.23
N GLY A 80 -6.28 -5.31 -5.86
CA GLY A 80 -5.85 -6.12 -4.74
C GLY A 80 -6.30 -5.49 -3.43
N CYS A 81 -7.57 -5.15 -3.33
CA CYS A 81 -8.13 -4.50 -2.15
C CYS A 81 -8.15 -5.33 -0.87
N GLY A 82 -7.93 -6.63 -0.99
CA GLY A 82 -7.96 -7.49 0.18
C GLY A 82 -9.27 -7.26 0.88
N ARG A 83 -9.21 -6.90 2.16
CA ARG A 83 -10.41 -6.64 2.94
C ARG A 83 -11.01 -5.29 2.56
N GLY A 84 -10.21 -4.45 1.93
CA GLY A 84 -10.73 -3.16 1.48
C GLY A 84 -10.36 -1.94 2.28
N GLY A 85 -9.21 -1.95 2.94
CA GLY A 85 -8.81 -0.80 3.74
C GLY A 85 -8.68 0.44 2.88
N TRP A 86 -8.03 0.29 1.73
CA TRP A 86 -7.83 1.41 0.82
C TRP A 86 -9.13 1.85 0.16
N SER A 87 -9.99 0.89 -0.17
CA SER A 87 -11.24 1.20 -0.84
C SER A 87 -12.25 1.95 0.02
N TYR A 88 -12.49 1.45 1.23
CA TYR A 88 -13.43 2.11 2.12
C TYR A 88 -12.92 3.50 2.48
N TYR A 89 -11.60 3.65 2.59
CA TYR A 89 -11.02 4.94 2.91
C TYR A 89 -11.26 5.96 1.80
N CYS A 90 -11.04 5.56 0.55
CA CYS A 90 -11.25 6.44 -0.58
C CYS A 90 -12.72 6.78 -0.73
N GLY A 91 -13.57 5.86 -0.28
CA GLY A 91 -15.01 6.05 -0.38
C GLY A 91 -15.54 7.19 0.44
N GLY A 92 -14.70 7.78 1.28
CA GLY A 92 -15.14 8.88 2.11
C GLY A 92 -14.51 10.19 1.71
N LEU A 93 -13.62 10.14 0.72
CA LEU A 93 -12.94 11.35 0.25
C LEU A 93 -13.72 12.25 -0.71
N LYS A 94 -13.79 13.53 -0.37
CA LYS A 94 -14.44 14.54 -1.21
C LYS A 94 -14.86 14.43 -2.68
N ASN A 95 -13.86 14.49 -3.54
CA ASN A 95 -14.05 14.40 -5.00
C ASN A 95 -14.00 12.99 -5.58
N VAL A 96 -14.21 11.98 -4.74
CA VAL A 96 -14.22 10.61 -5.24
C VAL A 96 -15.68 10.26 -5.53
N ARG A 97 -15.93 9.68 -6.70
CA ARG A 97 -17.30 9.34 -7.08
C ARG A 97 -17.59 7.85 -7.01
N GLU A 98 -16.69 7.04 -7.53
CA GLU A 98 -16.87 5.59 -7.54
C GLU A 98 -15.57 4.88 -7.12
N VAL A 99 -15.73 3.82 -6.33
CA VAL A 99 -14.59 3.05 -5.88
C VAL A 99 -14.87 1.60 -6.24
N LYS A 100 -13.94 1.00 -6.96
CA LYS A 100 -14.05 -0.39 -7.36
C LYS A 100 -12.80 -1.10 -6.86
N GLY A 101 -12.98 -2.05 -5.95
CA GLY A 101 -11.85 -2.81 -5.41
C GLY A 101 -11.89 -4.25 -5.87
N LEU A 102 -10.74 -4.81 -6.23
CA LEU A 102 -10.71 -6.19 -6.72
C LEU A 102 -9.65 -7.09 -6.09
N THR A 103 -10.04 -8.29 -5.63
CA THR A 103 -9.09 -9.24 -5.05
C THR A 103 -9.38 -10.70 -5.36
N LYS A 104 -8.41 -11.56 -5.04
CA LYS A 104 -8.55 -12.99 -5.23
C LYS A 104 -9.46 -13.57 -4.19
N GLY A 105 -9.19 -13.27 -2.94
CA GLY A 105 -10.00 -13.81 -1.88
C GLY A 105 -9.82 -15.31 -1.89
N GLY A 106 -10.81 -16.01 -1.36
CA GLY A 106 -10.74 -17.46 -1.31
C GLY A 106 -10.07 -17.96 -0.06
N PRO A 107 -10.26 -19.23 0.29
CA PRO A 107 -9.63 -19.78 1.49
C PRO A 107 -8.17 -19.37 1.57
N GLY A 108 -7.74 -19.02 2.78
CA GLY A 108 -6.36 -18.61 2.97
C GLY A 108 -6.01 -17.25 2.39
N HIS A 109 -7.02 -16.42 2.14
CA HIS A 109 -6.77 -15.10 1.59
C HIS A 109 -7.75 -14.07 2.15
N GLU A 110 -7.27 -12.85 2.37
CA GLU A 110 -8.15 -11.82 2.89
C GLU A 110 -9.30 -11.56 1.93
N GLU A 111 -10.51 -11.67 2.47
CA GLU A 111 -11.74 -11.47 1.72
C GLU A 111 -12.32 -10.11 2.11
N PRO A 112 -12.90 -9.38 1.14
CA PRO A 112 -13.48 -8.07 1.47
C PRO A 112 -14.53 -8.21 2.58
N ILE A 113 -14.58 -7.21 3.45
CA ILE A 113 -15.53 -7.21 4.57
C ILE A 113 -16.58 -6.14 4.40
N PRO A 114 -17.87 -6.52 4.37
CA PRO A 114 -18.90 -5.50 4.20
C PRO A 114 -18.88 -4.47 5.35
N MET A 115 -18.93 -3.19 5.00
CA MET A 115 -18.92 -2.13 6.00
C MET A 115 -19.90 -1.01 5.68
N SER A 116 -20.27 -0.23 6.69
CA SER A 116 -21.18 0.87 6.46
C SER A 116 -20.48 2.19 6.74
N THR A 117 -19.16 2.23 6.59
CA THR A 117 -18.42 3.45 6.82
C THR A 117 -18.82 4.51 5.79
N TYR A 118 -18.50 5.76 6.09
CA TYR A 118 -18.87 6.85 5.21
C TYR A 118 -18.47 6.65 3.75
N GLY A 119 -19.48 6.67 2.88
CA GLY A 119 -19.26 6.52 1.46
C GLY A 119 -19.29 5.07 1.02
N TRP A 120 -19.62 4.18 1.94
CA TRP A 120 -19.65 2.76 1.61
C TRP A 120 -20.50 2.44 0.38
N ASN A 121 -21.52 3.26 0.15
CA ASN A 121 -22.41 3.10 -0.99
C ASN A 121 -21.72 3.36 -2.32
N LEU A 122 -20.63 4.13 -2.30
CA LEU A 122 -19.90 4.42 -3.54
C LEU A 122 -18.85 3.35 -3.78
N VAL A 123 -18.74 2.44 -2.82
CA VAL A 123 -17.73 1.38 -2.87
C VAL A 123 -18.24 -0.03 -3.19
N ARG A 124 -17.65 -0.63 -4.22
CA ARG A 124 -18.00 -1.99 -4.63
C ARG A 124 -16.73 -2.83 -4.63
N LEU A 125 -16.75 -3.90 -3.83
CA LEU A 125 -15.59 -4.79 -3.74
C LEU A 125 -15.97 -6.20 -4.15
N GLN A 126 -15.18 -6.79 -5.03
CA GLN A 126 -15.45 -8.15 -5.45
C GLN A 126 -14.19 -9.01 -5.40
N SER A 127 -14.33 -10.19 -4.81
CA SER A 127 -13.21 -11.13 -4.71
C SER A 127 -13.37 -12.18 -5.79
N GLY A 128 -12.40 -13.08 -5.88
CA GLY A 128 -12.43 -14.12 -6.89
C GLY A 128 -11.98 -13.54 -8.22
N VAL A 129 -11.18 -12.49 -8.14
CA VAL A 129 -10.68 -11.81 -9.31
C VAL A 129 -9.17 -11.84 -9.28
N ASP A 130 -8.54 -12.18 -10.40
CA ASP A 130 -7.08 -12.18 -10.49
C ASP A 130 -6.73 -11.03 -11.42
N VAL A 131 -6.50 -9.87 -10.84
CA VAL A 131 -6.20 -8.66 -11.59
C VAL A 131 -5.23 -8.81 -12.77
N PHE A 132 -4.30 -9.74 -12.67
CA PHE A 132 -3.33 -9.91 -13.75
C PHE A 132 -3.91 -10.35 -15.10
N PHE A 133 -5.10 -10.95 -15.09
CA PHE A 133 -5.70 -11.42 -16.34
C PHE A 133 -7.09 -10.89 -16.66
N ILE A 134 -7.33 -9.62 -16.36
CA ILE A 134 -8.60 -9.01 -16.69
C ILE A 134 -8.20 -7.82 -17.54
N PRO A 135 -9.12 -7.30 -18.36
CA PRO A 135 -8.76 -6.15 -19.19
C PRO A 135 -8.82 -4.89 -18.34
N PRO A 136 -7.95 -3.92 -18.63
CA PRO A 136 -7.91 -2.65 -17.88
C PRO A 136 -9.13 -1.79 -18.13
N GLU A 137 -9.74 -1.34 -17.08
CA GLU A 137 -10.84 -0.37 -17.12
C GLU A 137 -10.28 1.03 -16.99
N ARG A 138 -10.97 1.95 -17.59
CA ARG A 138 -10.58 3.36 -17.56
C ARG A 138 -10.76 3.87 -16.12
N CYS A 139 -9.81 4.63 -15.61
CA CYS A 139 -9.93 5.11 -14.22
C CYS A 139 -9.07 6.35 -13.98
N ASP A 140 -9.58 7.20 -13.08
CA ASP A 140 -8.91 8.46 -12.77
C ASP A 140 -7.79 8.32 -11.75
N THR A 141 -7.95 7.38 -10.83
CA THR A 141 -6.91 7.15 -9.85
C THR A 141 -6.77 5.65 -9.77
N LEU A 142 -5.53 5.17 -9.79
CA LEU A 142 -5.26 3.74 -9.72
C LEU A 142 -4.41 3.43 -8.49
N LEU A 143 -4.95 2.56 -7.64
CA LEU A 143 -4.26 2.15 -6.43
C LEU A 143 -3.95 0.67 -6.56
N CYS A 144 -2.80 0.26 -6.06
CA CYS A 144 -2.41 -1.13 -6.09
C CYS A 144 -1.50 -1.42 -4.91
N ASP A 145 -1.91 -2.36 -4.07
CA ASP A 145 -1.16 -2.72 -2.88
C ASP A 145 -0.76 -4.21 -2.94
N ILE A 146 -0.50 -4.71 -4.13
CA ILE A 146 -0.12 -6.11 -4.31
C ILE A 146 1.37 -6.37 -4.24
N GLY A 147 1.74 -7.49 -3.62
CA GLY A 147 3.15 -7.84 -3.49
C GLY A 147 3.46 -8.76 -2.32
N GLU A 148 3.60 -10.05 -2.60
CA GLU A 148 3.89 -11.04 -1.58
C GLU A 148 5.41 -11.12 -1.33
N SER A 149 5.84 -10.98 -0.07
CA SER A 149 7.28 -11.01 0.22
C SER A 149 7.87 -12.42 0.30
N SER A 150 9.11 -12.53 -0.15
CA SER A 150 9.84 -13.81 -0.16
C SER A 150 11.25 -13.66 0.36
N PRO A 151 11.73 -14.68 1.10
CA PRO A 151 13.10 -14.63 1.63
C PRO A 151 14.09 -14.49 0.49
N ASN A 152 13.67 -14.91 -0.71
CA ASN A 152 14.52 -14.84 -1.90
C ASN A 152 14.24 -13.56 -2.69
N PRO A 153 15.18 -12.61 -2.68
CA PRO A 153 15.04 -11.35 -3.38
C PRO A 153 14.82 -11.41 -4.90
N THR A 154 15.17 -12.52 -5.53
CA THR A 154 14.94 -12.63 -6.97
C THR A 154 13.47 -12.98 -7.20
N VAL A 155 12.91 -13.76 -6.29
CA VAL A 155 11.50 -14.11 -6.37
C VAL A 155 10.70 -12.82 -6.25
N GLU A 156 11.07 -11.97 -5.31
CA GLU A 156 10.35 -10.71 -5.13
C GLU A 156 10.47 -9.81 -6.35
N ALA A 157 11.68 -9.73 -6.91
CA ALA A 157 11.91 -8.91 -8.09
C ALA A 157 10.93 -9.26 -9.22
N GLY A 158 10.61 -10.54 -9.33
CA GLY A 158 9.69 -11.00 -10.35
C GLY A 158 8.32 -10.48 -10.03
N ARG A 159 7.88 -10.74 -8.81
CA ARG A 159 6.57 -10.30 -8.34
C ARG A 159 6.42 -8.78 -8.51
N THR A 160 7.46 -8.03 -8.17
CA THR A 160 7.39 -6.57 -8.32
C THR A 160 7.14 -6.16 -9.77
N LEU A 161 7.92 -6.72 -10.69
CA LEU A 161 7.75 -6.40 -12.11
C LEU A 161 6.35 -6.75 -12.60
N ARG A 162 5.85 -7.93 -12.23
CA ARG A 162 4.50 -8.30 -12.66
C ARG A 162 3.53 -7.17 -12.33
N VAL A 163 3.70 -6.59 -11.14
CA VAL A 163 2.86 -5.50 -10.68
C VAL A 163 3.07 -4.21 -11.45
N LEU A 164 4.33 -3.89 -11.74
CA LEU A 164 4.64 -2.67 -12.48
C LEU A 164 4.04 -2.74 -13.88
N ASN A 165 4.19 -3.89 -14.52
CA ASN A 165 3.65 -4.07 -15.86
C ASN A 165 2.15 -3.99 -15.78
N LEU A 166 1.60 -4.58 -14.73
CA LEU A 166 0.15 -4.57 -14.52
C LEU A 166 -0.33 -3.12 -14.54
N VAL A 167 0.20 -2.31 -13.64
CA VAL A 167 -0.22 -0.92 -13.53
C VAL A 167 0.04 -0.09 -14.78
N GLU A 168 1.15 -0.34 -15.46
CA GLU A 168 1.44 0.43 -16.66
C GLU A 168 0.26 0.31 -17.62
N ASN A 169 -0.37 -0.86 -17.58
CA ASN A 169 -1.51 -1.16 -18.45
C ASN A 169 -2.79 -0.43 -18.05
N TRP A 170 -2.82 0.09 -16.82
CA TRP A 170 -4.00 0.81 -16.33
C TRP A 170 -3.78 2.32 -16.23
N LEU A 171 -2.56 2.77 -16.41
CA LEU A 171 -2.26 4.19 -16.30
C LEU A 171 -2.45 4.94 -17.61
N SER A 172 -3.11 6.09 -17.56
CA SER A 172 -3.31 6.88 -18.76
C SER A 172 -2.84 8.32 -18.62
N ASN A 173 -3.73 9.25 -18.97
CA ASN A 173 -3.45 10.69 -18.92
C ASN A 173 -2.69 11.16 -17.69
N ASN A 174 -3.44 11.79 -16.78
CA ASN A 174 -2.85 12.30 -15.56
C ASN A 174 -3.49 11.50 -14.44
N THR A 175 -3.51 10.19 -14.64
CA THR A 175 -4.08 9.27 -13.68
C THR A 175 -3.37 9.41 -12.35
N GLN A 176 -4.14 9.47 -11.27
CA GLN A 176 -3.57 9.56 -9.94
C GLN A 176 -3.23 8.14 -9.54
N PHE A 177 -2.10 7.95 -8.88
CA PHE A 177 -1.75 6.59 -8.50
C PHE A 177 -0.90 6.41 -7.27
N CYS A 178 -1.03 5.24 -6.69
CA CYS A 178 -0.28 4.84 -5.51
C CYS A 178 -0.09 3.34 -5.68
N VAL A 179 1.14 2.93 -5.95
CA VAL A 179 1.40 1.52 -6.15
C VAL A 179 2.56 0.99 -5.33
N LYS A 180 2.29 -0.09 -4.61
CA LYS A 180 3.31 -0.71 -3.79
C LYS A 180 4.38 -1.30 -4.67
N VAL A 181 5.64 -1.10 -4.26
CA VAL A 181 6.78 -1.64 -4.96
C VAL A 181 7.50 -2.44 -3.89
N LEU A 182 7.10 -3.71 -3.79
CA LEU A 182 7.63 -4.66 -2.82
C LEU A 182 9.14 -4.65 -2.64
N ASN A 183 9.86 -4.89 -3.73
CA ASN A 183 11.32 -4.91 -3.74
C ASN A 183 11.78 -3.89 -4.78
N PRO A 184 12.03 -2.65 -4.36
CA PRO A 184 12.48 -1.56 -5.25
C PRO A 184 13.98 -1.49 -5.47
N TYR A 185 14.71 -2.37 -4.72
CA TYR A 185 16.17 -2.25 -4.81
C TYR A 185 16.78 -3.24 -5.82
N MET A 186 16.04 -4.30 -6.18
CA MET A 186 16.56 -5.28 -7.17
C MET A 186 16.70 -4.59 -8.54
N PRO A 187 17.78 -4.81 -9.21
CA PRO A 187 18.12 -4.11 -10.43
C PRO A 187 17.11 -4.43 -11.48
N SER A 188 16.50 -5.35 -11.61
CA SER A 188 15.57 -5.23 -12.73
C SER A 188 14.43 -4.20 -12.34
N VAL A 189 13.99 -4.26 -11.10
CA VAL A 189 12.90 -3.37 -10.62
C VAL A 189 13.34 -1.92 -10.72
N ILE A 190 14.58 -1.63 -10.39
CA ILE A 190 15.06 -0.26 -10.50
C ILE A 190 14.98 0.18 -11.95
N GLU A 191 15.45 -0.68 -12.85
CA GLU A 191 15.44 -0.38 -14.27
C GLU A 191 14.04 -0.05 -14.75
N LYS A 192 13.08 -0.91 -14.44
CA LYS A 192 11.69 -0.69 -14.87
C LYS A 192 11.11 0.59 -14.29
N MET A 193 11.37 0.82 -13.01
CA MET A 193 10.88 2.01 -12.33
C MET A 193 11.35 3.26 -13.05
N GLU A 194 12.60 3.24 -13.45
CA GLU A 194 13.19 4.38 -14.14
C GLU A 194 12.43 4.68 -15.42
N ALA A 195 12.06 3.63 -16.14
CA ALA A 195 11.29 3.80 -17.36
C ALA A 195 9.96 4.46 -17.00
N LEU A 196 9.22 3.81 -16.11
CA LEU A 196 7.92 4.30 -15.66
C LEU A 196 7.93 5.73 -15.19
N GLN A 197 8.89 6.07 -14.33
CA GLN A 197 8.99 7.42 -13.79
C GLN A 197 9.14 8.39 -14.96
N ARG A 198 9.96 7.97 -15.93
CA ARG A 198 10.23 8.76 -17.12
C ARG A 198 8.93 8.94 -17.89
N LYS A 199 8.14 7.87 -17.94
CA LYS A 199 6.87 7.87 -18.67
C LYS A 199 5.66 8.48 -17.94
N HIS A 200 5.55 8.29 -16.62
CA HIS A 200 4.40 8.82 -15.87
C HIS A 200 4.74 9.70 -14.67
N GLY A 201 6.02 10.00 -14.48
CA GLY A 201 6.42 10.84 -13.37
C GLY A 201 6.25 10.18 -12.00
N GLY A 202 6.14 10.99 -10.97
CA GLY A 202 6.00 10.46 -9.63
C GLY A 202 7.34 10.04 -9.05
N ALA A 203 7.30 9.51 -7.84
CA ALA A 203 8.53 9.04 -7.18
C ALA A 203 8.21 7.93 -6.18
N LEU A 204 9.26 7.29 -5.68
CA LEU A 204 9.11 6.24 -4.70
C LEU A 204 9.20 6.88 -3.32
N VAL A 205 8.27 6.54 -2.45
CA VAL A 205 8.28 7.09 -1.09
C VAL A 205 8.12 6.00 -0.04
N ARG A 206 8.86 6.15 1.06
CA ARG A 206 8.78 5.17 2.15
C ARG A 206 7.70 5.64 3.13
N ASN A 207 6.80 4.74 3.52
CA ASN A 207 5.74 5.08 4.46
C ASN A 207 6.20 4.66 5.85
N PRO A 208 6.29 5.61 6.80
CA PRO A 208 6.73 5.32 8.17
C PRO A 208 5.99 4.16 8.85
N LEU A 209 4.81 3.84 8.34
CA LEU A 209 4.01 2.75 8.88
C LEU A 209 4.45 1.38 8.36
N SER A 210 5.26 1.34 7.30
CA SER A 210 5.75 0.06 6.79
C SER A 210 6.66 -0.53 7.88
N ARG A 211 6.79 -1.85 7.92
CA ARG A 211 7.66 -2.47 8.92
C ARG A 211 9.07 -2.62 8.39
N ASN A 212 10.04 -2.74 9.30
CA ASN A 212 11.42 -2.87 8.90
C ASN A 212 11.71 -4.17 8.14
N SER A 213 10.81 -5.15 8.25
CA SER A 213 10.98 -6.45 7.59
C SER A 213 10.69 -6.42 6.08
N THR A 214 10.36 -5.25 5.56
CA THR A 214 10.09 -5.09 4.14
C THR A 214 10.74 -3.80 3.68
N HIS A 215 11.35 -3.84 2.50
CA HIS A 215 12.01 -2.67 1.93
C HIS A 215 11.01 -2.05 0.96
N GLU A 216 9.73 -2.31 1.21
CA GLU A 216 8.66 -1.81 0.36
C GLU A 216 8.59 -0.29 0.29
N MET A 217 8.38 0.22 -0.92
CA MET A 217 8.22 1.66 -1.17
C MET A 217 7.05 1.81 -2.11
N TYR A 218 6.40 2.96 -2.11
CA TYR A 218 5.25 3.16 -2.98
C TYR A 218 5.46 4.22 -4.03
N TRP A 219 5.11 3.86 -5.25
CA TRP A 219 5.23 4.79 -6.35
C TRP A 219 3.95 5.61 -6.28
N VAL A 220 4.09 6.87 -5.89
CA VAL A 220 2.97 7.81 -5.79
C VAL A 220 3.14 8.84 -6.90
N SER A 221 2.01 9.29 -7.44
CA SER A 221 2.02 10.23 -8.55
C SER A 221 2.44 11.69 -8.30
N ASN A 222 2.12 12.24 -7.13
CA ASN A 222 2.48 13.63 -6.86
C ASN A 222 3.78 13.82 -6.06
N ALA A 223 4.87 13.27 -6.55
CA ALA A 223 6.14 13.43 -5.85
C ALA A 223 7.28 13.08 -6.80
N SER A 224 8.45 13.68 -6.61
CA SER A 224 9.57 13.35 -7.49
C SER A 224 10.80 13.01 -6.68
N GLY A 225 11.83 12.53 -7.37
CA GLY A 225 13.07 12.16 -6.71
C GLY A 225 13.77 11.05 -7.46
N ASN A 226 15.06 11.22 -7.69
CA ASN A 226 15.84 10.20 -8.38
C ASN A 226 15.61 8.86 -7.71
N ILE A 227 15.09 7.91 -8.49
CA ILE A 227 14.79 6.56 -8.03
C ILE A 227 15.88 5.89 -7.21
N VAL A 228 17.05 5.70 -7.84
CA VAL A 228 18.20 5.06 -7.20
C VAL A 228 18.49 5.68 -5.83
N SER A 229 18.61 7.00 -5.84
CA SER A 229 18.88 7.76 -4.63
C SER A 229 17.84 7.40 -3.57
N SER A 230 16.57 7.36 -4.00
CA SER A 230 15.46 7.05 -3.11
C SER A 230 15.55 5.69 -2.44
N VAL A 231 15.94 4.67 -3.21
CA VAL A 231 16.02 3.33 -2.66
C VAL A 231 17.19 3.17 -1.71
N ASN A 232 18.33 3.75 -2.07
CA ASN A 232 19.50 3.66 -1.21
C ASN A 232 19.23 4.27 0.16
N MET A 233 18.56 5.43 0.17
CA MET A 233 18.20 6.09 1.41
C MET A 233 17.56 5.09 2.36
N ILE A 234 16.55 4.41 1.84
CA ILE A 234 15.83 3.43 2.62
C ILE A 234 16.73 2.27 2.99
N SER A 235 17.59 1.87 2.06
CA SER A 235 18.50 0.77 2.34
C SER A 235 19.39 1.13 3.51
N ARG A 236 20.00 2.31 3.48
CA ARG A 236 20.87 2.73 4.57
C ARG A 236 20.07 2.79 5.86
N MET A 237 18.86 3.34 5.77
CA MET A 237 18.01 3.45 6.94
C MET A 237 17.72 2.10 7.57
N LEU A 238 17.26 1.15 6.75
CA LEU A 238 16.92 -0.17 7.27
C LEU A 238 18.11 -0.83 7.92
N ILE A 239 19.29 -0.59 7.36
CA ILE A 239 20.51 -1.17 7.93
C ILE A 239 20.82 -0.51 9.27
N ASN A 240 20.77 0.82 9.30
CA ASN A 240 21.04 1.53 10.54
C ASN A 240 20.17 0.98 11.67
N ARG A 241 18.91 0.71 11.33
CA ARG A 241 17.99 0.21 12.33
C ARG A 241 18.27 -1.19 12.88
N PHE A 242 19.21 -1.90 12.28
CA PHE A 242 19.55 -3.24 12.77
C PHE A 242 20.15 -3.07 14.16
N THR A 243 20.94 -2.02 14.31
CA THR A 243 21.58 -1.74 15.58
C THR A 243 20.89 -0.56 16.26
N MET A 244 19.90 -0.86 17.10
CA MET A 244 19.20 0.22 17.79
C MET A 244 19.05 0.17 19.30
N ARG A 245 19.30 1.33 19.91
CA ARG A 245 19.18 1.55 21.34
C ARG A 245 17.79 2.20 21.37
N HIS A 246 16.88 1.69 22.20
CA HIS A 246 15.50 2.23 22.21
C HIS A 246 14.85 1.72 20.92
N LYS A 247 14.09 0.64 21.03
CA LYS A 247 13.45 0.03 19.87
C LYS A 247 11.94 0.18 19.89
N LYS A 248 11.45 1.16 20.64
CA LYS A 248 10.02 1.38 20.76
C LYS A 248 9.39 1.77 19.43
N ALA A 249 8.08 1.55 19.33
CA ALA A 249 7.30 1.91 18.15
C ALA A 249 6.42 3.04 18.62
N THR A 250 6.26 4.06 17.78
CA THR A 250 5.40 5.18 18.15
C THR A 250 4.03 4.87 17.59
N TYR A 251 3.01 5.02 18.41
CA TYR A 251 1.66 4.73 17.98
C TYR A 251 0.83 5.96 17.72
N GLU A 252 -0.23 5.78 16.97
CA GLU A 252 -1.16 6.85 16.64
C GLU A 252 -2.56 6.24 16.56
N PRO A 253 -3.58 7.01 16.93
CA PRO A 253 -4.98 6.53 16.89
C PRO A 253 -5.31 6.02 15.49
N ASP A 254 -6.21 5.05 15.42
CA ASP A 254 -6.59 4.53 14.12
C ASP A 254 -7.49 5.53 13.41
N VAL A 255 -7.71 5.34 12.12
CA VAL A 255 -8.56 6.24 11.36
C VAL A 255 -10.03 5.96 11.69
N ASP A 256 -10.86 6.99 11.65
CA ASP A 256 -12.30 6.82 11.88
C ASP A 256 -12.92 7.09 10.53
N LEU A 257 -13.55 6.06 9.95
CA LEU A 257 -14.13 6.20 8.62
C LEU A 257 -15.60 6.65 8.55
N GLY A 258 -16.12 7.19 9.65
CA GLY A 258 -17.49 7.65 9.63
C GLY A 258 -18.50 6.52 9.52
N SER A 259 -19.69 6.81 8.98
CA SER A 259 -20.71 5.78 8.90
C SER A 259 -21.89 6.02 7.96
N GLY A 260 -21.89 7.12 7.22
CA GLY A 260 -23.03 7.37 6.36
C GLY A 260 -22.96 6.85 4.93
N THR A 261 -23.80 7.45 4.10
CA THR A 261 -23.89 7.13 2.69
C THR A 261 -23.73 8.50 2.04
N ARG A 262 -23.04 8.57 0.91
CA ARG A 262 -22.86 9.87 0.24
C ARG A 262 -23.82 10.06 -0.92
N ASN A 263 -24.26 11.29 -1.13
CA ASN A 263 -25.20 11.58 -2.22
C ASN A 263 -24.56 12.12 -3.49
N ILE A 264 -23.28 12.44 -3.43
CA ILE A 264 -22.55 12.94 -4.60
C ILE A 264 -23.20 14.22 -5.14
N GLY A 265 -22.98 14.48 -6.43
CA GLY A 265 -23.53 15.66 -7.12
C GLY A 265 -23.01 17.00 -6.58
N ILE A 266 -21.76 17.33 -6.92
CA ILE A 266 -21.09 18.58 -6.50
C ILE A 266 -21.95 19.65 -5.81
N GLU A 267 -22.79 20.33 -6.58
CA GLU A 267 -23.69 21.39 -6.08
C GLU A 267 -22.95 22.62 -5.55
S SO4 B . -3.54 -12.66 1.48
O1 SO4 B . -2.45 -12.79 0.47
O2 SO4 B . -3.39 -13.75 2.47
O3 SO4 B . -4.86 -12.77 0.83
O4 SO4 B . -3.44 -11.36 2.16
S SO4 C . -4.48 -20.17 -4.05
O1 SO4 C . -3.31 -19.97 -3.19
O2 SO4 C . -4.19 -21.28 -4.98
O3 SO4 C . -4.76 -18.95 -4.82
O4 SO4 C . -5.66 -20.50 -3.23
S SO4 D . -5.06 -5.37 11.00
O1 SO4 D . -4.39 -4.91 9.77
O2 SO4 D . -4.55 -6.68 11.42
O3 SO4 D . -6.51 -5.49 10.75
O4 SO4 D . -4.82 -4.40 12.09
S SO4 E . 1.11 -3.93 6.28
O1 SO4 E . 1.38 -4.33 4.88
O2 SO4 E . 1.62 -4.97 7.19
O3 SO4 E . -0.34 -3.71 6.46
O4 SO4 E . 1.81 -2.66 6.54
S SO4 F . 1.74 -7.53 13.24
O1 SO4 F . 1.50 -7.91 11.83
O2 SO4 F . 3.17 -7.74 13.55
O3 SO4 F . 0.91 -8.35 14.15
O4 SO4 F . 1.36 -6.12 13.44
S SO4 G . 6.37 -16.43 -8.24
O1 SO4 G . 7.28 -17.60 -8.34
O2 SO4 G . 5.03 -16.87 -7.78
O3 SO4 G . 6.25 -15.77 -9.56
O4 SO4 G . 6.94 -15.50 -7.27
S SO4 H . 2.00 12.72 10.92
O1 SO4 H . 3.48 12.76 10.90
O2 SO4 H . 1.56 11.47 11.54
O3 SO4 H . 1.47 12.79 9.55
O4 SO4 H . 1.51 13.89 11.69
N SAH I . -4.88 -2.19 0.69
CA SAH I . -5.25 -3.38 1.45
CB SAH I . -4.08 -4.36 1.48
CG SAH I . -4.34 -5.57 0.74
SD SAH I . -2.97 -6.74 0.76
C SAH I . -5.67 -3.03 2.92
O SAH I . -5.64 -1.82 3.20
OXT SAH I . -6.79 -3.58 3.22
C5' SAH I . -2.94 -7.18 -0.99
C4' SAH I . -3.99 -8.18 -1.45
O4' SAH I . -3.82 -8.45 -2.85
C3' SAH I . -3.93 -9.54 -0.76
O3' SAH I . -4.99 -9.60 0.21
C2' SAH I . -4.13 -10.59 -1.87
O2' SAH I . -5.11 -11.59 -1.68
C1' SAH I . -4.35 -9.72 -3.10
N9 SAH I . -3.82 -10.25 -4.36
C8 SAH I . -2.60 -10.81 -4.62
N7 SAH I . -2.43 -11.18 -5.86
C5 SAH I . -3.63 -10.85 -6.48
C6 SAH I . -4.11 -10.98 -7.82
N6 SAH I . -3.41 -11.51 -8.80
N1 SAH I . -5.37 -10.53 -8.10
C2 SAH I . -6.07 -10.00 -7.10
N3 SAH I . -5.73 -9.82 -5.80
C4 SAH I . -4.50 -10.26 -5.54
P RVP J . 7.17 -11.29 7.59
O1P RVP J . 5.60 -11.24 6.93
O2P RVP J . 7.21 -10.56 8.87
O3P RVP J . 7.39 -12.86 7.59
O5' RVP J . 8.44 -10.61 6.72
C5' RVP J . 8.64 -11.12 5.38
C4' RVP J . 10.27 -11.28 5.29
O4' RVP J . 11.30 -10.98 6.32
C3' RVP J . 10.68 -12.62 4.82
O3' RVP J . 10.33 -12.84 3.46
C2' RVP J . 12.22 -12.80 5.09
O2' RVP J . 13.03 -12.38 4.10
C1' RVP J . 12.36 -11.99 6.51
N9 RVP J . 12.18 -12.98 7.77
C8 RVP J . 10.96 -13.60 8.24
N7 RVP J . 11.47 -14.30 9.33
C5 RVP J . 12.86 -14.16 9.56
C6 RVP J . 13.61 -14.71 10.51
O6 RVP J . 13.51 -15.49 11.52
N1 RVP J . 15.12 -14.30 10.41
N4 RVP J . 13.26 -13.33 8.56
#